data_7UEP
#
_entry.id   7UEP
#
_cell.length_a   98.833
_cell.length_b   98.833
_cell.length_c   68.994
_cell.angle_alpha   90.000
_cell.angle_beta   90.000
_cell.angle_gamma   120.000
#
_symmetry.space_group_name_H-M   'P 31 2 1'
#
loop_
_entity.id
_entity.type
_entity.pdbx_description
1 polymer 'Pantothenate kinase 3'
2 non-polymer 'PHOSPHOAMINOPHOSPHONIC ACID-ADENYLATE ESTER'
3 non-polymer 'MAGNESIUM ION'
4 non-polymer 1,2-ETHANEDIOL
5 non-polymer 1-[(2R)-4-(6-chloropyridazin-3-yl)-2-methylpiperazin-1-yl]-2-(4-cyclopropylphenyl)ethan-1-one
6 water water
#
_entity_poly.entity_id   1
_entity_poly.type   'polypeptide(L)'
_entity_poly.pdbx_seq_one_letter_code
;MGSSHHHHHHSSGLVPRGSPWFGMDIGGTLVKLSYFEPIDITAEEEQEEVESLKSIRKYLTSNVAYGSTGIRDVHLELKD
LTLFGRRGNLHFIRFPTQDLPTFIQMGRDKNFSTLQTVLCATGGGAYKFEKDFRTIGNLHLHKLDELDCLVKGLLYIDSV
SFNGQAECYYFANASEPERCQKMPFNLDDPYPLLVVNIGSGVSILAVHSKDNYKRVTGTSLGGGTFLGLCSLLTGCESFE
EALEMASKGDSTQADKLVRDIYGGDYERFGLPGWAVASSFGNMIYKEKRESVSKEDLARATLVTITNNIGSVARMCAVNE
KINRVVFVGNFLRVNTLSMKLLAYALDYWSKGQLKALFLEHEGYFGAVGALLGLPNFSDD
;
_entity_poly.pdbx_strand_id   A
#
loop_
_chem_comp.id
_chem_comp.type
_chem_comp.name
_chem_comp.formula
ANP non-polymer 'PHOSPHOAMINOPHOSPHONIC ACID-ADENYLATE ESTER' 'C10 H17 N6 O12 P3'
EDO non-polymer 1,2-ETHANEDIOL 'C2 H6 O2'
MG non-polymer 'MAGNESIUM ION' 'Mg 2'
Y93 non-polymer 1-[(2R)-4-(6-chloropyridazin-3-yl)-2-methylpiperazin-1-yl]-2-(4-cyclopropylphenyl)ethan-1-one 'C20 H23 Cl N4 O'
#
# COMPACT_ATOMS: atom_id res chain seq x y z
N SER A 19 -27.99 -0.75 -7.54
CA SER A 19 -26.61 -0.64 -7.99
C SER A 19 -25.64 -1.11 -6.90
N PRO A 20 -24.67 -1.96 -7.26
CA PRO A 20 -23.67 -2.39 -6.27
C PRO A 20 -22.85 -1.21 -5.79
N TRP A 21 -22.39 -1.31 -4.54
CA TRP A 21 -21.62 -0.26 -3.88
C TRP A 21 -20.14 -0.61 -3.97
N PHE A 22 -19.43 0.09 -4.87
CA PHE A 22 -17.99 -0.07 -5.12
C PHE A 22 -17.28 1.24 -4.77
N GLY A 23 -16.05 1.13 -4.34
CA GLY A 23 -15.10 2.24 -4.45
C GLY A 23 -13.86 1.72 -5.12
N MET A 24 -13.27 2.57 -5.98
CA MET A 24 -12.16 2.12 -6.83
C MET A 24 -11.01 3.12 -6.83
N ASP A 25 -9.81 2.62 -6.61
CA ASP A 25 -8.59 3.40 -6.67
C ASP A 25 -7.77 2.83 -7.82
N ILE A 26 -7.69 3.56 -8.94
CA ILE A 26 -6.95 3.09 -10.11
C ILE A 26 -5.57 3.73 -10.05
N GLY A 27 -4.60 2.97 -9.55
CA GLY A 27 -3.23 3.46 -9.44
C GLY A 27 -2.43 3.27 -10.73
N GLY A 28 -1.16 3.68 -10.65
CA GLY A 28 -0.25 3.48 -11.79
C GLY A 28 0.09 2.03 -12.04
N THR A 29 0.00 1.18 -11.01
CA THR A 29 0.32 -0.24 -11.10
C THR A 29 -0.87 -1.13 -10.81
N LEU A 30 -1.59 -0.87 -9.72
CA LEU A 30 -2.69 -1.75 -9.31
C LEU A 30 -4.01 -0.99 -9.19
N VAL A 31 -5.09 -1.67 -9.54
CA VAL A 31 -6.44 -1.20 -9.25
C VAL A 31 -6.87 -1.86 -7.94
N LYS A 32 -7.35 -1.05 -7.01
CA LYS A 32 -7.91 -1.56 -5.77
C LYS A 32 -9.39 -1.28 -5.76
N LEU A 33 -10.17 -2.27 -5.30
CA LEU A 33 -11.62 -2.20 -5.36
C LEU A 33 -12.16 -2.61 -3.99
N SER A 34 -12.97 -1.74 -3.38
CA SER A 34 -13.70 -2.10 -2.17
C SER A 34 -15.16 -2.32 -2.55
N TYR A 35 -15.71 -3.44 -2.09
CA TYR A 35 -17.07 -3.83 -2.45
C TYR A 35 -17.83 -4.13 -1.16
N PHE A 36 -18.98 -3.48 -0.99
CA PHE A 36 -19.82 -3.67 0.19
C PHE A 36 -20.95 -4.63 -0.18
N GLU A 37 -20.93 -5.82 0.41
CA GLU A 37 -21.94 -6.85 0.17
C GLU A 37 -23.00 -6.78 1.25
N PRO A 38 -24.23 -6.35 0.95
CA PRO A 38 -25.27 -6.32 1.99
C PRO A 38 -25.61 -7.73 2.45
N ILE A 39 -25.80 -7.89 3.75
CA ILE A 39 -26.15 -9.17 4.35
C ILE A 39 -27.51 -9.13 5.04
N ASP A 40 -28.22 -8.01 4.97
CA ASP A 40 -29.54 -7.86 5.54
C ASP A 40 -30.62 -7.74 4.46
N ILE A 41 -30.46 -8.48 3.37
CA ILE A 41 -31.40 -8.41 2.26
C ILE A 41 -32.69 -9.12 2.67
N THR A 42 -33.82 -8.43 2.54
CA THR A 42 -35.10 -8.99 2.92
C THR A 42 -35.73 -9.75 1.75
N ALA A 43 -36.90 -10.34 2.00
CA ALA A 43 -37.61 -11.07 0.96
C ALA A 43 -38.06 -10.14 -0.17
N GLU A 44 -38.82 -9.10 0.17
CA GLU A 44 -39.28 -8.15 -0.84
C GLU A 44 -38.12 -7.40 -1.51
N GLU A 45 -36.96 -7.31 -0.87
CA GLU A 45 -35.82 -6.66 -1.51
C GLU A 45 -35.20 -7.55 -2.58
N GLU A 46 -35.21 -8.86 -2.39
CA GLU A 46 -34.68 -9.77 -3.40
C GLU A 46 -35.57 -9.81 -4.65
N GLN A 47 -36.90 -9.69 -4.50
CA GLN A 47 -37.75 -9.58 -5.68
C GLN A 47 -37.37 -8.38 -6.52
N GLU A 48 -37.38 -7.19 -5.92
CA GLU A 48 -37.14 -5.91 -6.62
C GLU A 48 -35.71 -5.75 -7.15
N GLU A 49 -34.84 -6.76 -7.15
CA GLU A 49 -33.49 -6.65 -7.66
C GLU A 49 -33.35 -7.45 -8.95
N VAL A 50 -32.53 -6.93 -9.85
CA VAL A 50 -32.42 -7.51 -11.18
C VAL A 50 -31.43 -8.66 -11.17
N GLU A 51 -31.61 -9.58 -12.12
CA GLU A 51 -30.73 -10.75 -12.21
C GLU A 51 -29.27 -10.35 -12.31
N SER A 52 -28.96 -9.30 -13.08
CA SER A 52 -27.58 -8.87 -13.23
C SER A 52 -26.99 -8.42 -11.90
N LEU A 53 -27.79 -7.74 -11.07
CA LEU A 53 -27.31 -7.36 -9.74
C LEU A 53 -27.03 -8.58 -8.89
N LYS A 54 -27.92 -9.57 -8.95
CA LYS A 54 -27.72 -10.82 -8.24
C LYS A 54 -26.50 -11.56 -8.76
N SER A 55 -26.34 -11.59 -10.09
CA SER A 55 -25.21 -12.29 -10.71
C SER A 55 -23.88 -11.67 -10.31
N ILE A 56 -23.80 -10.34 -10.21
CA ILE A 56 -22.52 -9.74 -9.84
C ILE A 56 -22.22 -10.01 -8.38
N ARG A 57 -23.23 -9.98 -7.51
CA ARG A 57 -23.00 -10.30 -6.10
C ARG A 57 -22.53 -11.74 -5.94
N LYS A 58 -23.16 -12.67 -6.67
CA LYS A 58 -22.76 -14.08 -6.60
C LYS A 58 -21.36 -14.29 -7.14
N TYR A 59 -21.04 -13.63 -8.26
CA TYR A 59 -19.73 -13.78 -8.87
C TYR A 59 -18.64 -13.30 -7.94
N LEU A 60 -18.87 -12.19 -7.24
CA LEU A 60 -17.82 -11.60 -6.42
C LEU A 60 -17.61 -12.39 -5.11
N THR A 61 -18.69 -12.88 -4.51
CA THR A 61 -18.61 -13.56 -3.21
C THR A 61 -18.35 -15.07 -3.32
N SER A 62 -18.51 -15.68 -4.50
CA SER A 62 -18.26 -17.09 -4.67
C SER A 62 -16.93 -17.40 -5.35
N ASN A 63 -16.14 -16.38 -5.68
CA ASN A 63 -14.81 -16.58 -6.24
C ASN A 63 -13.81 -15.73 -5.48
N VAL A 64 -12.59 -16.25 -5.37
CA VAL A 64 -11.49 -15.49 -4.79
C VAL A 64 -10.43 -15.14 -5.82
N ALA A 65 -10.45 -15.80 -6.98
CA ALA A 65 -9.69 -15.37 -8.13
C ALA A 65 -10.68 -14.92 -9.18
N TYR A 66 -10.35 -13.84 -9.88
CA TYR A 66 -11.23 -13.30 -10.92
C TYR A 66 -10.45 -13.25 -12.21
N GLY A 67 -10.89 -14.00 -13.21
CA GLY A 67 -10.04 -14.13 -14.37
C GLY A 67 -8.68 -14.69 -13.98
N SER A 68 -7.65 -14.22 -14.68
CA SER A 68 -6.30 -14.69 -14.44
C SER A 68 -5.48 -13.77 -13.55
N THR A 69 -5.95 -12.56 -13.26
CA THR A 69 -5.15 -11.62 -12.48
C THR A 69 -5.90 -10.92 -11.35
N GLY A 70 -7.20 -11.15 -11.17
CA GLY A 70 -7.93 -10.54 -10.07
C GLY A 70 -7.87 -11.42 -8.81
N ILE A 71 -7.72 -10.77 -7.66
CA ILE A 71 -7.60 -11.47 -6.38
C ILE A 71 -8.46 -10.77 -5.35
N ARG A 72 -9.27 -11.53 -4.63
CA ARG A 72 -9.92 -11.03 -3.42
C ARG A 72 -9.04 -11.37 -2.22
N ASP A 73 -8.66 -10.35 -1.45
CA ASP A 73 -7.87 -10.54 -0.24
C ASP A 73 -8.83 -10.91 0.89
N VAL A 74 -9.12 -12.21 0.99
CA VAL A 74 -10.20 -12.66 1.87
C VAL A 74 -9.91 -12.33 3.33
N HIS A 75 -8.63 -12.39 3.74
CA HIS A 75 -8.30 -12.20 5.14
C HIS A 75 -8.56 -10.78 5.61
N LEU A 76 -8.68 -9.82 4.68
CA LEU A 76 -8.91 -8.42 5.01
C LEU A 76 -10.39 -8.08 5.17
N GLU A 77 -11.29 -8.97 4.80
CA GLU A 77 -12.73 -8.68 4.79
C GLU A 77 -13.19 -8.17 6.15
N LEU A 78 -13.97 -7.08 6.14
CA LEU A 78 -14.63 -6.61 7.35
C LEU A 78 -16.04 -7.15 7.38
N LYS A 79 -16.37 -7.92 8.42
CA LYS A 79 -17.64 -8.61 8.48
C LYS A 79 -18.61 -7.86 9.41
N ASP A 80 -19.88 -7.85 9.02
CA ASP A 80 -20.95 -7.26 9.81
C ASP A 80 -20.68 -5.79 10.11
N LEU A 81 -20.26 -5.07 9.07
CA LEU A 81 -20.10 -3.63 9.15
C LEU A 81 -21.42 -2.96 8.80
N THR A 82 -21.76 -1.90 9.52
CA THR A 82 -22.93 -1.11 9.18
C THR A 82 -22.45 0.09 8.36
N LEU A 83 -22.88 0.15 7.11
CA LEU A 83 -22.44 1.21 6.22
C LEU A 83 -23.67 1.75 5.50
N PHE A 84 -23.84 3.07 5.52
CA PHE A 84 -24.98 3.71 4.89
C PHE A 84 -26.28 3.13 5.42
N GLY A 85 -26.29 2.79 6.71
CA GLY A 85 -27.47 2.23 7.34
C GLY A 85 -27.82 0.81 6.98
N ARG A 86 -26.91 0.07 6.33
CA ARG A 86 -27.11 -1.35 6.04
C ARG A 86 -26.00 -2.14 6.69
N ARG A 87 -26.30 -3.36 7.12
CA ARG A 87 -25.27 -4.28 7.57
C ARG A 87 -24.72 -5.06 6.37
N GLY A 88 -23.41 -5.21 6.33
CA GLY A 88 -22.84 -6.05 5.31
C GLY A 88 -21.38 -6.32 5.55
N ASN A 89 -20.75 -6.93 4.54
CA ASN A 89 -19.34 -7.26 4.57
C ASN A 89 -18.60 -6.37 3.59
N LEU A 90 -17.47 -5.85 4.00
CA LEU A 90 -16.64 -5.05 3.13
C LEU A 90 -15.52 -5.92 2.58
N HIS A 91 -15.47 -6.06 1.26
CA HIS A 91 -14.52 -6.91 0.56
C HIS A 91 -13.44 -6.07 -0.12
N PHE A 92 -12.26 -6.66 -0.28
CA PHE A 92 -11.08 -5.98 -0.81
C PHE A 92 -10.48 -6.79 -1.95
N ILE A 93 -10.46 -6.20 -3.15
CA ILE A 93 -10.12 -6.90 -4.39
C ILE A 93 -9.07 -6.07 -5.11
N ARG A 94 -8.14 -6.73 -5.80
CA ARG A 94 -7.11 -6.00 -6.52
C ARG A 94 -6.80 -6.69 -7.85
N PHE A 95 -6.33 -5.91 -8.82
CA PHE A 95 -5.87 -6.47 -10.09
C PHE A 95 -4.99 -5.43 -10.78
N PRO A 96 -4.19 -5.85 -11.76
CA PRO A 96 -3.26 -4.91 -12.39
C PRO A 96 -4.01 -3.88 -13.22
N THR A 97 -3.56 -2.62 -13.12
CA THR A 97 -4.13 -1.57 -13.95
C THR A 97 -4.05 -1.94 -15.42
N GLN A 98 -2.97 -2.64 -15.81
CA GLN A 98 -2.83 -3.13 -17.18
C GLN A 98 -4.05 -3.95 -17.62
N ASP A 99 -4.76 -4.61 -16.70
CA ASP A 99 -5.92 -5.42 -17.08
C ASP A 99 -7.24 -4.69 -16.92
N LEU A 100 -7.21 -3.38 -16.68
CA LEU A 100 -8.47 -2.63 -16.61
C LEU A 100 -9.31 -2.75 -17.88
N PRO A 101 -8.74 -2.78 -19.11
CA PRO A 101 -9.59 -3.04 -20.28
C PRO A 101 -10.43 -4.29 -20.16
N THR A 102 -9.87 -5.37 -19.62
CA THR A 102 -10.66 -6.59 -19.41
C THR A 102 -11.78 -6.35 -18.40
N PHE A 103 -11.49 -5.61 -17.33
CA PHE A 103 -12.53 -5.29 -16.34
C PHE A 103 -13.65 -4.48 -16.96
N ILE A 104 -13.31 -3.47 -17.76
CA ILE A 104 -14.32 -2.63 -18.40
C ILE A 104 -15.13 -3.43 -19.42
N GLN A 105 -14.46 -4.30 -20.19
CA GLN A 105 -15.17 -5.18 -21.12
C GLN A 105 -16.19 -6.05 -20.39
N MET A 106 -15.75 -6.74 -19.32
CA MET A 106 -16.69 -7.50 -18.50
C MET A 106 -17.83 -6.61 -17.99
N GLY A 107 -17.52 -5.34 -17.68
CA GLY A 107 -18.55 -4.43 -17.22
C GLY A 107 -19.58 -4.07 -18.28
N ARG A 108 -19.17 -4.07 -19.56
CA ARG A 108 -20.09 -3.80 -20.66
C ARG A 108 -20.87 -5.03 -21.10
N ASP A 109 -20.52 -6.21 -20.59
CA ASP A 109 -21.13 -7.44 -21.08
C ASP A 109 -22.61 -7.48 -20.75
N LYS A 110 -23.37 -8.16 -21.62
CA LYS A 110 -24.79 -8.35 -21.38
C LYS A 110 -25.00 -9.09 -20.06
N ASN A 111 -26.18 -8.92 -19.49
CA ASN A 111 -26.53 -9.40 -18.15
C ASN A 111 -25.68 -8.73 -17.07
N PHE A 112 -25.16 -7.55 -17.38
CA PHE A 112 -24.61 -6.63 -16.38
C PHE A 112 -25.19 -5.23 -16.57
N SER A 113 -26.24 -5.09 -17.37
CA SER A 113 -26.94 -3.83 -17.55
C SER A 113 -28.43 -4.01 -17.31
N THR A 117 -25.35 2.07 -12.07
CA THR A 117 -24.22 2.08 -11.15
C THR A 117 -23.58 3.46 -11.04
N VAL A 118 -23.34 3.90 -9.81
CA VAL A 118 -22.57 5.11 -9.55
C VAL A 118 -21.21 4.67 -9.02
N LEU A 119 -20.15 5.01 -9.75
CA LEU A 119 -18.82 4.54 -9.42
C LEU A 119 -17.99 5.70 -8.92
N CYS A 120 -17.65 5.67 -7.64
CA CYS A 120 -16.69 6.61 -7.08
C CYS A 120 -15.30 6.05 -7.31
N ALA A 121 -14.47 6.82 -8.02
CA ALA A 121 -13.15 6.38 -8.44
C ALA A 121 -12.12 7.44 -8.06
N THR A 122 -10.95 6.98 -7.66
CA THR A 122 -9.87 7.88 -7.32
C THR A 122 -8.60 7.29 -7.90
N GLY A 123 -7.46 7.88 -7.58
CA GLY A 123 -6.22 7.52 -8.23
C GLY A 123 -6.10 8.21 -9.58
N GLY A 124 -4.86 8.25 -10.09
CA GLY A 124 -4.63 8.86 -11.38
C GLY A 124 -5.50 8.29 -12.49
N GLY A 125 -5.79 7.00 -12.42
CA GLY A 125 -6.53 6.39 -13.50
C GLY A 125 -8.00 6.75 -13.54
N ALA A 126 -8.53 7.35 -12.48
CA ALA A 126 -9.88 7.90 -12.54
C ALA A 126 -9.97 9.01 -13.59
N TYR A 127 -8.87 9.76 -13.77
CA TYR A 127 -8.79 10.76 -14.84
C TYR A 127 -8.34 10.14 -16.15
N LYS A 128 -7.27 9.32 -16.12
CA LYS A 128 -6.71 8.82 -17.37
C LYS A 128 -7.73 7.96 -18.12
N PHE A 129 -8.51 7.15 -17.41
CA PHE A 129 -9.44 6.20 -18.03
C PHE A 129 -10.90 6.65 -17.88
N GLU A 130 -11.15 7.93 -17.60
CA GLU A 130 -12.52 8.44 -17.50
C GLU A 130 -13.35 8.08 -18.72
N LYS A 131 -12.82 8.35 -19.90
CA LYS A 131 -13.57 8.10 -21.13
C LYS A 131 -13.85 6.61 -21.33
N ASP A 132 -12.94 5.75 -20.85
CA ASP A 132 -13.17 4.32 -20.96
C ASP A 132 -14.30 3.86 -20.05
N PHE A 133 -14.34 4.34 -18.80
CA PHE A 133 -15.45 3.98 -17.93
C PHE A 133 -16.79 4.43 -18.51
N ARG A 134 -16.80 5.54 -19.21
CA ARG A 134 -18.06 5.99 -19.78
C ARG A 134 -18.50 5.18 -20.98
N THR A 135 -17.71 4.20 -21.46
CA THR A 135 -18.27 3.28 -22.46
C THR A 135 -19.30 2.33 -21.85
N ILE A 136 -19.34 2.21 -20.52
CA ILE A 136 -20.39 1.44 -19.85
C ILE A 136 -21.64 2.31 -19.82
N GLY A 137 -22.68 1.91 -20.54
CA GLY A 137 -23.86 2.74 -20.66
C GLY A 137 -24.47 3.06 -19.30
N ASN A 138 -24.92 4.30 -19.16
CA ASN A 138 -25.62 4.80 -17.97
C ASN A 138 -24.82 4.64 -16.68
N LEU A 139 -23.52 4.37 -16.74
CA LEU A 139 -22.67 4.40 -15.55
C LEU A 139 -22.29 5.85 -15.25
N HIS A 140 -22.38 6.24 -13.99
CA HIS A 140 -22.03 7.59 -13.56
C HIS A 140 -20.71 7.52 -12.80
N LEU A 141 -19.67 8.14 -13.35
CA LEU A 141 -18.35 8.13 -12.76
C LEU A 141 -18.10 9.44 -12.02
N HIS A 142 -17.78 9.34 -10.73
CA HIS A 142 -17.43 10.52 -9.94
C HIS A 142 -15.98 10.39 -9.50
N LYS A 143 -15.13 11.31 -9.97
CA LYS A 143 -13.72 11.28 -9.64
C LYS A 143 -13.49 12.01 -8.32
N LEU A 144 -12.71 11.39 -7.43
CA LEU A 144 -12.34 11.94 -6.14
C LEU A 144 -10.83 11.97 -6.00
N ASP A 145 -10.30 12.89 -5.19
CA ASP A 145 -8.84 13.06 -5.14
C ASP A 145 -8.16 11.91 -4.39
N GLU A 146 -7.00 11.46 -4.91
CA GLU A 146 -6.37 10.21 -4.44
C GLU A 146 -5.82 10.32 -3.04
N LEU A 147 -5.46 11.51 -2.58
CA LEU A 147 -4.96 11.64 -1.22
C LEU A 147 -6.06 12.02 -0.22
N ASP A 148 -7.08 12.76 -0.64
CA ASP A 148 -8.26 12.95 0.21
C ASP A 148 -8.97 11.61 0.50
N CYS A 149 -9.04 10.72 -0.50
CA CYS A 149 -9.65 9.41 -0.28
C CYS A 149 -8.81 8.55 0.64
N LEU A 150 -7.48 8.66 0.52
CA LEU A 150 -6.58 7.92 1.38
C LEU A 150 -6.79 8.29 2.84
N VAL A 151 -6.91 9.59 3.11
CA VAL A 151 -7.07 10.05 4.49
C VAL A 151 -8.37 9.55 5.09
N LYS A 152 -9.51 9.80 4.41
CA LYS A 152 -10.76 9.38 5.03
C LYS A 152 -10.89 7.86 5.07
N GLY A 153 -10.29 7.14 4.13
CA GLY A 153 -10.33 5.69 4.19
C GLY A 153 -9.54 5.16 5.38
N LEU A 154 -8.34 5.70 5.58
CA LEU A 154 -7.50 5.27 6.70
C LEU A 154 -8.17 5.55 8.02
N LEU A 155 -8.71 6.76 8.17
CA LEU A 155 -9.35 7.12 9.42
C LEU A 155 -10.60 6.28 9.67
N TYR A 156 -11.29 5.88 8.60
CA TYR A 156 -12.51 5.09 8.75
C TYR A 156 -12.20 3.67 9.17
N ILE A 157 -11.31 2.99 8.45
CA ILE A 157 -10.98 1.61 8.80
C ILE A 157 -10.45 1.55 10.23
N ASP A 158 -9.58 2.49 10.61
CA ASP A 158 -9.09 2.48 11.97
C ASP A 158 -10.20 2.69 12.99
N SER A 159 -11.21 3.49 12.62
CA SER A 159 -12.30 3.77 13.56
C SER A 159 -13.21 2.57 13.77
N VAL A 160 -13.45 1.78 12.71
CA VAL A 160 -14.34 0.62 12.84
C VAL A 160 -13.61 -0.62 13.36
N SER A 161 -12.27 -0.60 13.39
CA SER A 161 -11.40 -1.70 13.80
C SER A 161 -11.36 -2.81 12.76
N PHE A 162 -10.37 -3.71 12.88
CA PHE A 162 -10.24 -4.87 12.00
C PHE A 162 -10.95 -6.04 12.68
N ASN A 163 -12.28 -6.06 12.53
CA ASN A 163 -13.13 -7.08 13.17
C ASN A 163 -12.86 -7.18 14.66
N GLY A 164 -12.62 -6.03 15.29
CA GLY A 164 -12.38 -5.96 16.71
C GLY A 164 -10.92 -5.93 17.10
N GLN A 165 -10.02 -6.28 16.18
CA GLN A 165 -8.59 -6.16 16.40
C GLN A 165 -8.10 -4.80 15.93
N ALA A 166 -6.92 -4.42 16.40
CA ALA A 166 -6.33 -3.16 15.98
C ALA A 166 -6.05 -3.18 14.48
N GLU A 167 -6.41 -2.09 13.80
CA GLU A 167 -6.00 -1.93 12.42
C GLU A 167 -4.51 -1.56 12.33
N CYS A 168 -3.99 -0.89 13.35
CA CYS A 168 -2.65 -0.31 13.31
C CYS A 168 -1.71 -1.13 14.19
N TYR A 169 -0.47 -1.31 13.74
CA TYR A 169 0.50 -2.06 14.53
C TYR A 169 1.90 -1.49 14.32
N TYR A 170 2.80 -1.85 15.23
CA TYR A 170 4.21 -1.47 15.13
C TYR A 170 5.06 -2.68 15.49
N PHE A 171 6.37 -2.56 15.31
CA PHE A 171 7.29 -3.60 15.74
C PHE A 171 7.97 -3.14 17.03
N ALA A 172 7.59 -3.78 18.13
CA ALA A 172 8.16 -3.45 19.44
C ALA A 172 9.62 -3.86 19.49
N ASN A 173 10.43 -3.07 20.19
CA ASN A 173 11.85 -3.36 20.39
C ASN A 173 12.50 -3.73 19.06
N ALA A 174 12.28 -2.86 18.07
CA ALA A 174 12.80 -3.09 16.73
C ALA A 174 14.33 -3.03 16.68
N SER A 175 14.98 -2.48 17.70
CA SER A 175 16.44 -2.50 17.76
C SER A 175 16.99 -3.88 18.08
N GLU A 176 16.25 -4.69 18.85
CA GLU A 176 16.69 -6.03 19.26
C GLU A 176 15.94 -7.09 18.47
N PRO A 177 16.63 -7.93 17.70
CA PRO A 177 15.89 -8.92 16.89
C PRO A 177 15.30 -10.05 17.71
N GLU A 178 15.93 -10.45 18.82
CA GLU A 178 15.38 -11.50 19.67
C GLU A 178 14.09 -11.07 20.34
N ARG A 179 13.81 -9.77 20.39
CA ARG A 179 12.61 -9.24 21.02
C ARG A 179 11.61 -8.65 20.03
N CYS A 180 12.03 -8.34 18.82
CA CYS A 180 11.21 -7.58 17.87
C CYS A 180 9.99 -8.39 17.45
N GLN A 181 8.81 -7.92 17.83
CA GLN A 181 7.56 -8.60 17.53
C GLN A 181 6.49 -7.59 17.17
N LYS A 182 5.59 -8.01 16.29
CA LYS A 182 4.44 -7.17 15.90
C LYS A 182 3.51 -6.96 17.09
N MET A 183 3.15 -5.71 17.37
CA MET A 183 2.27 -5.38 18.48
C MET A 183 1.22 -4.37 18.03
N PRO A 184 0.00 -4.46 18.57
CA PRO A 184 -1.04 -3.48 18.18
C PRO A 184 -0.71 -2.08 18.65
N PHE A 185 -1.23 -1.09 17.92
CA PHE A 185 -0.99 0.31 18.24
C PHE A 185 -2.31 1.08 18.17
N ASN A 186 -2.58 1.89 19.19
CA ASN A 186 -3.85 2.61 19.28
C ASN A 186 -3.75 3.97 18.62
N LEU A 187 -4.64 4.22 17.64
CA LEU A 187 -4.74 5.51 16.97
C LEU A 187 -6.08 6.19 17.25
N ASP A 188 -6.57 6.10 18.49
CA ASP A 188 -7.87 6.67 18.82
C ASP A 188 -7.88 8.19 18.68
N ASP A 189 -6.75 8.85 18.94
CA ASP A 189 -6.58 10.29 18.72
C ASP A 189 -5.44 10.42 17.72
N PRO A 190 -5.72 10.28 16.43
CA PRO A 190 -4.64 10.05 15.44
C PRO A 190 -3.90 11.30 15.00
N TYR A 191 -4.20 12.47 15.54
CA TYR A 191 -3.51 13.62 14.98
C TYR A 191 -2.46 14.17 15.95
N PRO A 192 -1.35 14.72 15.43
CA PRO A 192 -1.01 14.76 14.00
C PRO A 192 -0.49 13.42 13.49
N LEU A 193 -0.29 13.29 12.18
CA LEU A 193 0.14 12.02 11.64
C LEU A 193 0.85 12.26 10.32
N LEU A 194 1.99 11.58 10.11
CA LEU A 194 2.68 11.57 8.82
C LEU A 194 2.33 10.27 8.11
N VAL A 195 1.70 10.38 6.95
CA VAL A 195 1.30 9.22 6.18
C VAL A 195 2.25 9.10 5.00
N VAL A 196 2.95 7.97 4.90
CA VAL A 196 3.89 7.74 3.80
C VAL A 196 3.28 6.68 2.90
N ASN A 197 2.86 7.09 1.70
CA ASN A 197 2.15 6.21 0.78
C ASN A 197 3.14 5.69 -0.25
N ILE A 198 3.53 4.42 -0.11
CA ILE A 198 4.51 3.80 -1.00
C ILE A 198 3.74 2.98 -2.02
N GLY A 199 3.48 3.61 -3.18
CA GLY A 199 2.94 2.89 -4.32
C GLY A 199 3.99 2.74 -5.42
N SER A 200 3.65 3.07 -6.66
CA SER A 200 4.66 3.15 -7.71
C SER A 200 5.75 4.14 -7.32
N GLY A 201 5.35 5.36 -6.94
CA GLY A 201 6.20 6.30 -6.26
C GLY A 201 5.78 6.48 -4.81
N VAL A 202 6.21 7.58 -4.21
CA VAL A 202 5.90 7.83 -2.80
C VAL A 202 5.27 9.20 -2.65
N SER A 203 4.14 9.29 -1.96
CA SER A 203 3.62 10.56 -1.49
C SER A 203 3.71 10.63 0.03
N ILE A 204 4.10 11.78 0.56
CA ILE A 204 4.18 11.95 2.02
C ILE A 204 3.21 13.05 2.43
N LEU A 205 2.31 12.72 3.35
CA LEU A 205 1.24 13.59 3.79
C LEU A 205 1.40 13.92 5.26
N ALA A 206 1.08 15.17 5.61
CA ALA A 206 1.00 15.60 7.00
C ALA A 206 -0.47 15.85 7.31
N VAL A 207 -1.04 15.00 8.16
CA VAL A 207 -2.44 15.07 8.53
C VAL A 207 -2.52 15.71 9.90
N HIS A 208 -3.09 16.91 9.96
CA HIS A 208 -3.28 17.65 11.22
C HIS A 208 -4.67 17.49 11.79
N SER A 209 -5.68 17.32 10.95
CA SER A 209 -7.03 17.05 11.42
C SER A 209 -7.75 16.22 10.36
N LYS A 210 -9.04 15.97 10.57
CA LYS A 210 -9.81 15.25 9.57
C LYS A 210 -9.96 16.06 8.29
N ASP A 211 -9.92 17.39 8.38
CA ASP A 211 -10.11 18.26 7.23
C ASP A 211 -8.88 19.13 6.93
N ASN A 212 -7.73 18.81 7.52
CA ASN A 212 -6.55 19.64 7.38
C ASN A 212 -5.34 18.74 7.15
N TYR A 213 -4.94 18.59 5.89
CA TYR A 213 -3.79 17.78 5.53
C TYR A 213 -3.11 18.38 4.31
N LYS A 214 -1.81 18.14 4.19
CA LYS A 214 -1.04 18.57 3.03
C LYS A 214 -0.12 17.45 2.57
N ARG A 215 0.13 17.42 1.26
CA ARG A 215 1.21 16.61 0.69
C ARG A 215 2.52 17.36 0.89
N VAL A 216 3.33 16.93 1.86
CA VAL A 216 4.52 17.72 2.19
C VAL A 216 5.60 17.51 1.13
N THR A 217 5.67 16.34 0.52
CA THR A 217 6.58 16.09 -0.60
C THR A 217 6.29 14.69 -1.11
N GLY A 218 7.18 14.18 -1.95
CA GLY A 218 7.11 12.78 -2.36
C GLY A 218 8.48 12.41 -2.86
N THR A 219 8.63 11.15 -3.23
CA THR A 219 9.85 10.73 -3.89
C THR A 219 9.47 9.78 -5.02
N SER A 220 10.26 9.82 -6.09
CA SER A 220 10.01 8.92 -7.21
C SER A 220 10.70 7.58 -7.03
N LEU A 221 11.41 7.37 -5.92
CA LEU A 221 12.04 6.08 -5.62
C LEU A 221 11.06 5.27 -4.78
N GLY A 222 10.17 4.54 -5.44
CA GLY A 222 9.13 3.82 -4.73
C GLY A 222 9.06 2.37 -5.13
N GLY A 223 7.84 1.80 -4.98
CA GLY A 223 7.66 0.40 -5.30
C GLY A 223 7.94 0.06 -6.74
N GLY A 224 7.64 0.97 -7.66
CA GLY A 224 7.91 0.67 -9.06
C GLY A 224 9.39 0.69 -9.38
N THR A 225 10.17 1.50 -8.64
CA THR A 225 11.64 1.46 -8.76
C THR A 225 12.18 0.11 -8.28
N PHE A 226 11.67 -0.37 -7.16
CA PHE A 226 12.10 -1.69 -6.70
C PHE A 226 11.81 -2.75 -7.74
N LEU A 227 10.58 -2.79 -8.24
CA LEU A 227 10.21 -3.84 -9.18
C LEU A 227 10.90 -3.64 -10.53
N GLY A 228 10.99 -2.40 -11.00
CA GLY A 228 11.64 -2.14 -12.27
C GLY A 228 13.12 -2.47 -12.27
N LEU A 229 13.84 -2.00 -11.25
CA LEU A 229 15.28 -2.28 -11.19
C LEU A 229 15.54 -3.75 -10.98
N CYS A 230 14.77 -4.37 -10.09
CA CYS A 230 14.89 -5.81 -9.90
C CYS A 230 14.73 -6.58 -11.19
N SER A 231 13.69 -6.24 -11.97
CA SER A 231 13.47 -6.96 -13.22
C SER A 231 14.65 -6.80 -14.17
N LEU A 232 15.19 -5.58 -14.26
CA LEU A 232 16.37 -5.36 -15.09
C LEU A 232 17.57 -6.12 -14.56
N LEU A 233 17.81 -6.07 -13.25
CA LEU A 233 19.03 -6.63 -12.68
C LEU A 233 18.99 -8.14 -12.54
N THR A 234 17.82 -8.72 -12.29
CA THR A 234 17.73 -10.14 -11.95
C THR A 234 16.87 -10.96 -12.89
N GLY A 235 16.04 -10.34 -13.72
CA GLY A 235 15.14 -11.11 -14.56
C GLY A 235 13.90 -11.63 -13.86
N CYS A 236 13.66 -11.21 -12.62
CA CYS A 236 12.46 -11.65 -11.92
C CYS A 236 11.21 -11.20 -12.67
N GLU A 237 10.17 -12.02 -12.59
CA GLU A 237 8.94 -11.75 -13.34
C GLU A 237 7.76 -11.39 -12.45
N SER A 238 7.92 -11.34 -11.13
CA SER A 238 6.82 -10.89 -10.27
C SER A 238 7.38 -10.18 -9.05
N PHE A 239 6.50 -9.37 -8.45
CA PHE A 239 6.82 -8.73 -7.18
C PHE A 239 7.21 -9.76 -6.14
N GLU A 240 6.46 -10.86 -6.04
CA GLU A 240 6.72 -11.89 -5.05
C GLU A 240 8.03 -12.62 -5.33
N GLU A 241 8.34 -12.88 -6.61
CA GLU A 241 9.62 -13.51 -6.93
C GLU A 241 10.78 -12.59 -6.56
N ALA A 242 10.60 -11.29 -6.79
CA ALA A 242 11.63 -10.31 -6.41
C ALA A 242 11.88 -10.34 -4.90
N LEU A 243 10.80 -10.34 -4.10
CA LEU A 243 10.95 -10.41 -2.65
C LEU A 243 11.60 -11.72 -2.21
N GLU A 244 11.24 -12.83 -2.86
CA GLU A 244 11.84 -14.11 -2.48
C GLU A 244 13.33 -14.16 -2.84
N MET A 245 13.71 -13.60 -3.98
CA MET A 245 15.13 -13.43 -4.29
C MET A 245 15.82 -12.59 -3.22
N ALA A 246 15.20 -11.46 -2.86
CA ALA A 246 15.82 -10.54 -1.90
C ALA A 246 16.00 -11.20 -0.54
N SER A 247 15.09 -12.10 -0.15
CA SER A 247 15.20 -12.74 1.15
C SER A 247 16.40 -13.65 1.23
N LYS A 248 16.91 -14.10 0.09
CA LYS A 248 18.05 -15.00 0.04
C LYS A 248 19.37 -14.26 -0.14
N GLY A 249 19.33 -12.96 -0.38
CA GLY A 249 20.51 -12.23 -0.78
C GLY A 249 21.24 -11.57 0.36
N ASP A 250 22.41 -11.03 0.02
CA ASP A 250 23.23 -10.25 0.94
C ASP A 250 23.52 -8.92 0.25
N SER A 251 22.84 -7.86 0.68
CA SER A 251 22.98 -6.56 0.03
C SER A 251 24.41 -6.01 0.16
N THR A 252 25.15 -6.43 1.19
CA THR A 252 26.49 -5.86 1.35
C THR A 252 27.47 -6.34 0.28
N GLN A 253 27.09 -7.35 -0.51
CA GLN A 253 27.90 -7.74 -1.66
C GLN A 253 27.90 -6.63 -2.73
N ALA A 254 26.80 -5.87 -2.84
CA ALA A 254 26.64 -4.80 -3.82
C ALA A 254 26.95 -3.41 -3.26
N ASP A 255 26.58 -3.19 -1.99
CA ASP A 255 26.65 -1.90 -1.33
C ASP A 255 28.03 -1.66 -0.72
N LYS A 256 28.51 -0.41 -0.81
CA LYS A 256 29.73 -0.04 -0.12
C LYS A 256 29.35 0.52 1.25
N LEU A 257 29.92 -0.05 2.30
CA LEU A 257 29.52 0.32 3.66
C LEU A 257 30.48 1.35 4.23
N VAL A 258 30.07 1.95 5.34
CA VAL A 258 30.96 2.88 6.02
C VAL A 258 32.29 2.22 6.34
N ARG A 259 32.25 0.94 6.77
CA ARG A 259 33.51 0.30 7.15
C ARG A 259 34.38 0.00 5.93
N ASP A 260 33.82 -0.10 4.72
CA ASP A 260 34.66 -0.26 3.54
C ASP A 260 35.46 1.00 3.22
N ILE A 261 35.02 2.16 3.69
CA ILE A 261 35.68 3.43 3.41
C ILE A 261 36.61 3.84 4.54
N TYR A 262 36.11 3.71 5.78
CA TYR A 262 36.84 4.12 6.98
C TYR A 262 37.62 2.99 7.64
N GLY A 263 37.28 1.74 7.35
CA GLY A 263 37.87 0.62 8.10
C GLY A 263 37.11 0.24 9.37
N GLY A 264 36.05 0.97 9.71
CA GLY A 264 35.27 0.77 10.91
C GLY A 264 34.20 1.86 11.01
N ASP A 265 33.74 2.20 12.21
CA ASP A 265 32.80 3.31 12.38
C ASP A 265 33.42 4.64 11.95
N TYR A 266 32.56 5.56 11.49
CA TYR A 266 32.92 6.98 11.39
C TYR A 266 32.40 7.61 12.69
N GLU A 267 33.25 7.57 13.72
CA GLU A 267 32.86 7.94 15.08
C GLU A 267 32.37 9.39 15.14
N ARG A 268 33.17 10.31 14.59
CA ARG A 268 32.95 11.74 14.76
C ARG A 268 31.50 12.16 14.49
N PHE A 269 30.86 11.55 13.49
CA PHE A 269 29.47 11.87 13.18
C PHE A 269 28.53 10.70 13.47
N GLY A 270 28.93 9.81 14.37
CA GLY A 270 28.06 8.73 14.83
C GLY A 270 27.55 7.84 13.73
N LEU A 271 28.39 7.51 12.75
CA LEU A 271 27.97 6.63 11.67
C LEU A 271 28.54 5.24 11.89
N PRO A 272 27.70 4.22 12.11
CA PRO A 272 28.24 2.88 12.39
C PRO A 272 28.86 2.28 11.14
N GLY A 273 29.85 1.39 11.35
CA GLY A 273 30.52 0.77 10.22
C GLY A 273 29.59 0.04 9.28
N TRP A 274 28.44 -0.42 9.78
CA TRP A 274 27.52 -1.21 8.96
C TRP A 274 26.60 -0.36 8.10
N ALA A 275 26.50 0.94 8.37
CA ALA A 275 25.65 1.80 7.55
C ALA A 275 26.11 1.78 6.10
N VAL A 276 25.15 1.89 5.20
CA VAL A 276 25.47 1.93 3.78
C VAL A 276 26.00 3.33 3.45
N ALA A 277 27.26 3.41 3.03
CA ALA A 277 27.79 4.68 2.55
C ALA A 277 27.42 4.96 1.08
N SER A 278 27.38 3.91 0.26
CA SER A 278 27.09 4.07 -1.17
C SER A 278 26.33 2.86 -1.67
N SER A 279 25.05 3.04 -1.99
CA SER A 279 24.23 1.94 -2.48
C SER A 279 24.75 1.49 -3.84
N PHE A 280 24.87 0.17 -4.06
CA PHE A 280 25.48 -0.39 -5.27
C PHE A 280 26.90 0.12 -5.49
N GLY A 281 27.53 0.72 -4.48
CA GLY A 281 28.83 1.36 -4.66
C GLY A 281 29.97 0.39 -4.90
N ASN A 282 29.83 -0.88 -4.50
CA ASN A 282 30.84 -1.87 -4.82
C ASN A 282 30.73 -2.38 -6.25
N MET A 283 29.67 -2.04 -6.95
CA MET A 283 29.50 -2.50 -8.32
C MET A 283 30.30 -1.68 -9.32
N ILE A 284 31.06 -0.70 -8.84
CA ILE A 284 32.00 0.00 -9.72
C ILE A 284 33.21 -0.85 -10.05
N TYR A 285 33.38 -1.97 -9.35
CA TYR A 285 34.53 -2.84 -9.56
C TYR A 285 34.09 -4.04 -10.38
N LYS A 286 34.78 -4.26 -11.50
CA LYS A 286 34.34 -5.30 -12.43
C LYS A 286 34.33 -6.67 -11.76
N GLU A 287 35.34 -6.96 -10.94
CA GLU A 287 35.43 -8.27 -10.30
C GLU A 287 34.29 -8.50 -9.30
N LYS A 288 33.76 -7.43 -8.69
CA LYS A 288 32.62 -7.62 -7.80
C LYS A 288 31.32 -7.81 -8.57
N ARG A 289 31.13 -7.05 -9.67
CA ARG A 289 29.98 -7.31 -10.53
C ARG A 289 29.96 -8.74 -11.01
N GLU A 290 31.11 -9.34 -11.22
CA GLU A 290 31.18 -10.71 -11.70
C GLU A 290 30.87 -11.74 -10.64
N SER A 291 31.00 -11.40 -9.36
CA SER A 291 30.79 -12.37 -8.30
C SER A 291 29.46 -12.19 -7.59
N VAL A 292 28.80 -11.05 -7.78
CA VAL A 292 27.54 -10.77 -7.10
C VAL A 292 26.44 -11.67 -7.67
N SER A 293 25.51 -12.09 -6.82
CA SER A 293 24.42 -12.95 -7.26
C SER A 293 23.18 -12.10 -7.51
N LYS A 294 22.25 -12.67 -8.29
CA LYS A 294 20.99 -11.97 -8.55
C LYS A 294 20.23 -11.74 -7.25
N GLU A 295 20.28 -12.70 -6.32
CA GLU A 295 19.68 -12.52 -5.02
C GLU A 295 20.30 -11.35 -4.25
N ASP A 296 21.64 -11.24 -4.31
CA ASP A 296 22.30 -10.08 -3.69
C ASP A 296 21.80 -8.77 -4.29
N LEU A 297 21.62 -8.73 -5.61
CA LEU A 297 21.18 -7.48 -6.25
C LEU A 297 19.72 -7.17 -5.91
N ALA A 298 18.87 -8.20 -5.83
CA ALA A 298 17.49 -7.99 -5.40
C ALA A 298 17.46 -7.41 -3.98
N ARG A 299 18.25 -7.96 -3.08
CA ARG A 299 18.26 -7.45 -1.71
C ARG A 299 18.82 -6.03 -1.67
N ALA A 300 19.88 -5.76 -2.44
CA ALA A 300 20.42 -4.40 -2.45
C ALA A 300 19.39 -3.40 -3.00
N THR A 301 18.59 -3.82 -3.98
CA THR A 301 17.56 -2.92 -4.50
C THR A 301 16.52 -2.65 -3.42
N LEU A 302 16.08 -3.68 -2.72
CA LEU A 302 15.09 -3.49 -1.67
C LEU A 302 15.62 -2.62 -0.55
N VAL A 303 16.87 -2.87 -0.11
CA VAL A 303 17.42 -2.09 1.00
C VAL A 303 17.60 -0.63 0.58
N THR A 304 18.11 -0.41 -0.63
CA THR A 304 18.30 0.96 -1.13
C THR A 304 16.99 1.74 -1.14
N ILE A 305 15.94 1.16 -1.71
CA ILE A 305 14.64 1.83 -1.82
C ILE A 305 14.06 2.08 -0.43
N THR A 306 14.09 1.04 0.41
CA THR A 306 13.45 1.14 1.74
C THR A 306 14.16 2.16 2.62
N ASN A 307 15.50 2.12 2.67
CA ASN A 307 16.26 3.09 3.46
C ASN A 307 16.03 4.53 3.00
N ASN A 308 15.95 4.74 1.69
CA ASN A 308 15.74 6.11 1.21
C ASN A 308 14.36 6.61 1.62
N ILE A 309 13.35 5.73 1.56
CA ILE A 309 12.01 6.09 2.03
C ILE A 309 12.03 6.43 3.51
N GLY A 310 12.66 5.57 4.31
CA GLY A 310 12.73 5.83 5.74
C GLY A 310 13.44 7.14 6.03
N SER A 311 14.51 7.42 5.29
CA SER A 311 15.25 8.64 5.51
C SER A 311 14.42 9.86 5.14
N VAL A 312 13.73 9.82 4.00
CA VAL A 312 12.90 10.95 3.62
C VAL A 312 11.75 11.12 4.61
N ALA A 313 11.15 10.01 5.04
CA ALA A 313 10.08 10.11 6.03
C ALA A 313 10.58 10.76 7.30
N ARG A 314 11.80 10.41 7.72
CA ARG A 314 12.32 10.98 8.96
C ARG A 314 12.54 12.48 8.85
N MET A 315 13.08 12.94 7.71
CA MET A 315 13.30 14.37 7.57
C MET A 315 11.97 15.12 7.57
N CYS A 316 10.95 14.55 6.94
CA CYS A 316 9.64 15.20 6.91
C CYS A 316 9.01 15.24 8.30
N ALA A 317 9.11 14.13 9.04
CA ALA A 317 8.60 14.10 10.41
C ALA A 317 9.28 15.15 11.27
N VAL A 318 10.62 15.24 11.20
CA VAL A 318 11.31 16.23 12.00
C VAL A 318 10.89 17.64 11.61
N ASN A 319 10.78 17.90 10.29
CA ASN A 319 10.38 19.24 9.85
C ASN A 319 8.95 19.56 10.22
N GLU A 320 8.05 18.57 10.14
CA GLU A 320 6.65 18.80 10.47
C GLU A 320 6.38 18.71 11.97
N LYS A 321 7.34 18.23 12.76
CA LYS A 321 7.19 18.04 14.20
C LYS A 321 6.12 16.99 14.52
N ILE A 322 6.14 15.90 13.76
CA ILE A 322 5.21 14.79 13.93
C ILE A 322 6.02 13.56 14.31
N ASN A 323 5.63 12.86 15.37
CA ASN A 323 6.43 11.71 15.78
C ASN A 323 5.80 10.37 15.44
N ARG A 324 4.64 10.34 14.79
CA ARG A 324 3.99 9.11 14.36
C ARG A 324 4.01 9.05 12.84
N VAL A 325 4.68 8.05 12.28
CA VAL A 325 4.81 7.88 10.85
C VAL A 325 4.18 6.56 10.46
N VAL A 326 3.11 6.61 9.66
CA VAL A 326 2.42 5.39 9.23
C VAL A 326 2.73 5.15 7.76
N PHE A 327 3.18 3.94 7.45
CA PHE A 327 3.55 3.54 6.10
C PHE A 327 2.42 2.72 5.50
N VAL A 328 1.95 3.11 4.31
CA VAL A 328 0.90 2.40 3.59
C VAL A 328 1.31 2.24 2.13
N GLY A 329 0.42 1.64 1.34
CA GLY A 329 0.66 1.31 -0.04
C GLY A 329 1.11 -0.13 -0.19
N ASN A 330 1.06 -0.62 -1.43
CA ASN A 330 1.27 -2.06 -1.63
C ASN A 330 2.73 -2.46 -1.77
N PHE A 331 3.66 -1.51 -1.78
CA PHE A 331 5.07 -1.91 -1.70
C PHE A 331 5.32 -2.77 -0.46
N LEU A 332 4.53 -2.57 0.59
CA LEU A 332 4.74 -3.30 1.83
C LEU A 332 3.87 -4.56 1.99
N ARG A 333 2.95 -4.88 1.07
CA ARG A 333 2.20 -6.12 1.27
C ARG A 333 3.13 -7.32 1.07
N VAL A 334 2.89 -8.36 1.86
CA VAL A 334 3.70 -9.57 2.04
C VAL A 334 5.19 -9.25 2.04
N ASN A 335 5.57 -8.10 2.60
CA ASN A 335 6.95 -7.60 2.55
C ASN A 335 7.42 -7.28 3.98
N THR A 336 7.63 -8.31 4.80
CA THR A 336 8.08 -8.06 6.16
C THR A 336 9.52 -7.57 6.22
N LEU A 337 10.33 -7.90 5.21
CA LEU A 337 11.69 -7.39 5.17
C LEU A 337 11.71 -5.86 5.21
N SER A 338 10.99 -5.22 4.27
CA SER A 338 10.96 -3.78 4.26
C SER A 338 10.32 -3.21 5.53
N MET A 339 9.29 -3.88 6.07
CA MET A 339 8.64 -3.34 7.26
C MET A 339 9.61 -3.33 8.44
N LYS A 340 10.32 -4.43 8.66
CA LYS A 340 11.28 -4.47 9.76
C LYS A 340 12.44 -3.50 9.51
N LEU A 341 12.89 -3.41 8.27
CA LEU A 341 13.96 -2.46 7.96
C LEU A 341 13.50 -1.04 8.30
N LEU A 342 12.27 -0.71 7.91
CA LEU A 342 11.72 0.61 8.24
C LEU A 342 11.58 0.81 9.74
N ALA A 343 11.02 -0.19 10.43
CA ALA A 343 10.88 -0.08 11.88
C ALA A 343 12.25 0.13 12.55
N TYR A 344 13.22 -0.72 12.21
CA TYR A 344 14.52 -0.62 12.85
C TYR A 344 15.20 0.71 12.52
N ALA A 345 15.16 1.11 11.24
CA ALA A 345 15.89 2.30 10.81
C ALA A 345 15.31 3.56 11.43
N LEU A 346 13.98 3.72 11.40
CA LEU A 346 13.37 4.92 11.97
C LEU A 346 13.70 5.04 13.44
N ASP A 347 13.63 3.93 14.17
CA ASP A 347 13.98 3.94 15.59
C ASP A 347 15.46 4.25 15.78
N TYR A 348 16.34 3.58 15.03
CA TYR A 348 17.78 3.80 15.24
C TYR A 348 18.17 5.24 14.91
N TRP A 349 17.83 5.70 13.70
CA TRP A 349 18.36 7.00 13.28
C TRP A 349 17.68 8.16 13.98
N SER A 350 16.43 8.00 14.45
CA SER A 350 15.80 9.05 15.24
C SER A 350 16.15 8.95 16.72
N LYS A 351 17.03 8.01 17.07
CA LYS A 351 17.37 7.75 18.46
C LYS A 351 16.12 7.59 19.31
N GLY A 352 15.14 6.85 18.76
CA GLY A 352 13.92 6.50 19.48
C GLY A 352 12.83 7.56 19.49
N GLN A 353 13.00 8.68 18.78
CA GLN A 353 12.02 9.76 18.81
C GLN A 353 10.84 9.53 17.87
N LEU A 354 11.03 8.74 16.81
CA LEU A 354 9.95 8.44 15.86
C LEU A 354 9.64 6.96 15.92
N LYS A 355 8.37 6.61 15.66
CA LYS A 355 7.94 5.23 15.61
C LYS A 355 7.33 4.93 14.25
N ALA A 356 7.71 3.80 13.66
CA ALA A 356 7.12 3.34 12.41
C ALA A 356 5.83 2.57 12.70
N LEU A 357 4.74 3.00 12.09
CA LEU A 357 3.44 2.37 12.27
C LEU A 357 2.98 1.78 10.93
N PHE A 358 2.27 0.66 11.00
CA PHE A 358 1.79 -0.02 9.82
C PHE A 358 0.32 -0.34 10.01
N LEU A 359 -0.36 -0.63 8.90
CA LEU A 359 -1.81 -0.78 8.87
C LEU A 359 -2.15 -2.04 8.09
N GLU A 360 -3.08 -2.85 8.63
CA GLU A 360 -3.41 -4.12 8.00
C GLU A 360 -4.00 -3.94 6.60
N HIS A 361 -4.78 -2.89 6.38
CA HIS A 361 -5.43 -2.66 5.09
C HIS A 361 -4.66 -1.66 4.23
N GLU A 362 -3.32 -1.77 4.26
CA GLU A 362 -2.46 -0.65 3.80
C GLU A 362 -2.69 -0.26 2.34
N GLY A 363 -2.97 -1.24 1.47
CA GLY A 363 -3.11 -0.89 0.07
C GLY A 363 -4.46 -0.31 -0.35
N TYR A 364 -5.47 -0.37 0.53
CA TYR A 364 -6.86 -0.19 0.11
C TYR A 364 -7.50 1.10 0.62
N PHE A 365 -6.78 1.99 1.30
CA PHE A 365 -7.48 3.11 1.94
C PHE A 365 -8.12 4.04 0.91
N GLY A 366 -7.46 4.26 -0.24
CA GLY A 366 -8.08 5.10 -1.27
C GLY A 366 -9.39 4.53 -1.78
N ALA A 367 -9.43 3.22 -2.00
CA ALA A 367 -10.65 2.59 -2.49
C ALA A 367 -11.78 2.72 -1.48
N VAL A 368 -11.48 2.58 -0.19
CA VAL A 368 -12.49 2.74 0.85
C VAL A 368 -12.94 4.19 0.92
N GLY A 369 -11.98 5.14 0.86
CA GLY A 369 -12.37 6.54 0.85
C GLY A 369 -13.29 6.90 -0.30
N ALA A 370 -12.99 6.39 -1.49
CA ALA A 370 -13.89 6.58 -2.64
C ALA A 370 -15.29 6.08 -2.33
N LEU A 371 -15.39 4.84 -1.84
CA LEU A 371 -16.69 4.29 -1.54
C LEU A 371 -17.43 5.17 -0.54
N LEU A 372 -16.70 5.77 0.41
CA LEU A 372 -17.34 6.64 1.39
C LEU A 372 -17.94 7.91 0.77
N GLY A 373 -17.48 8.33 -0.41
CA GLY A 373 -18.05 9.48 -1.07
C GLY A 373 -19.38 9.25 -1.75
N LEU A 374 -19.86 8.00 -1.77
CA LEU A 374 -21.10 7.69 -2.46
C LEU A 374 -22.31 8.51 -1.99
N PRO A 375 -22.52 8.77 -0.70
CA PRO A 375 -23.69 9.58 -0.30
C PRO A 375 -23.78 10.94 -0.98
N ASN A 376 -22.64 11.55 -1.33
CA ASN A 376 -22.66 12.84 -2.03
C ASN A 376 -23.22 12.76 -3.44
N PHE A 377 -23.84 11.68 -3.89
CA PHE A 377 -24.34 11.60 -5.26
C PHE A 377 -25.70 10.90 -5.30
PG ANP B . 0.35 5.19 -7.58
O1G ANP B . 1.74 5.84 -7.43
O2G ANP B . -0.26 5.78 -8.89
O3G ANP B . -0.46 5.62 -6.31
PB ANP B . -0.38 2.37 -7.18
O1B ANP B . -1.62 2.99 -6.57
O2B ANP B . -0.73 1.29 -8.21
N3B ANP B . 0.62 3.52 -7.78
PA ANP B . 0.18 0.65 -4.97
O1A ANP B . -0.94 -0.25 -5.35
O2A ANP B . -0.09 1.25 -3.60
O3A ANP B . 0.51 1.77 -6.01
O5' ANP B . 1.54 -0.16 -4.90
C5' ANP B . 2.15 -0.73 -6.05
C4' ANP B . 3.45 -1.37 -5.66
O4' ANP B . 3.20 -2.49 -4.78
C3' ANP B . 4.26 -1.93 -6.82
O3' ANP B . 5.13 -0.90 -7.26
C2' ANP B . 5.04 -3.09 -6.17
O2' ANP B . 6.21 -2.64 -5.53
C1' ANP B . 4.09 -3.55 -5.06
N9 ANP B . 3.30 -4.73 -5.36
C8 ANP B . 2.77 -5.58 -4.42
N7 ANP B . 2.06 -6.56 -4.92
C5 ANP B . 2.12 -6.35 -6.29
C6 ANP B . 1.58 -7.03 -7.38
N6 ANP B . 0.83 -8.14 -7.26
N1 ANP B . 1.84 -6.56 -8.62
C2 ANP B . 2.58 -5.45 -8.75
N3 ANP B . 3.14 -4.71 -7.78
C4 ANP B . 2.88 -5.22 -6.58
MG MG C . -1.83 4.58 -5.30
C1 EDO D . -2.72 -9.44 -8.76
O1 EDO D . -1.34 -9.71 -9.01
C2 EDO D . -2.89 -7.94 -8.56
O2 EDO D . -2.23 -7.52 -7.37
C01 Y93 E . 1.31 9.58 -8.49
C02 Y93 E . 2.20 9.82 -7.24
C03 Y93 E . 0.80 10.50 -7.39
C04 Y93 E . 3.53 10.59 -7.32
C05 Y93 E . 3.68 11.77 -8.05
C06 Y93 E . 4.92 12.43 -8.06
C07 Y93 E . 5.99 11.87 -7.35
C08 Y93 E . 7.37 12.53 -7.32
C09 Y93 E . 7.32 13.69 -6.31
C11 Y93 E . 9.50 14.26 -7.32
C12 Y93 E . 10.89 14.78 -6.96
C14 Y93 E . 11.84 16.94 -6.31
C17 Y93 E . 13.90 18.63 -6.17
C20 Y93 E . 13.89 17.70 -7.20
C21 Y93 E . 12.83 16.82 -7.28
C22 Y93 E . 9.89 16.12 -5.07
C23 Y93 E . 8.47 15.69 -5.38
C24 Y93 E . 7.71 16.89 -5.95
C26 Y93 E . 5.84 10.71 -6.62
C27 Y93 E . 4.61 10.07 -6.61
N10 Y93 E . 8.46 14.58 -6.32
N13 Y93 E . 10.69 16.07 -6.31
N15 Y93 E . 11.89 17.84 -5.34
N16 Y93 E . 12.94 18.70 -5.27
O25 Y93 E . 6.43 13.87 -5.54
CL18 Y93 E . 15.23 19.78 -6.02
#